data_3TEJ
#
_entry.id   3TEJ
#
_cell.length_a   69.400
_cell.length_b   90.360
_cell.length_c   97.530
_cell.angle_alpha   90.000
_cell.angle_beta   90.000
_cell.angle_gamma   90.000
#
_symmetry.space_group_name_H-M   'P 21 21 21'
#
loop_
_entity.id
_entity.type
_entity.pdbx_description
1 polymer 'Enterobactin synthase component F'
2 water water
#
_entity_poly.entity_id   1
_entity_poly.type   'polypeptide(L)'
_entity_poly.pdbx_seq_one_letter_code
;AQAPGRAPKAGSETIIAAAFSSLLGCDVQDADADFFALGGH(UF0)LLAMKLAAQLSRQVARQVTPGQVMVASTVAKLAT
IIDAEEDSTRRMGFETILPLREGNGPTLFCFHPASGFAWQFSVLSRYLDPQWSIIGIQSPRPNGPMQTAANLDEVCEAHL
ATLLEQQPHGPYYLLGYSLGGTLAQGIAARLRARGEQVAFLGLLDTWPPETQNWQEKEANGLDPEVLAEINREREAFLAA
QQGSTSTELFTTIEGNYADAVRLLTTAHSVPFDGKATLFVAERTLQEGMSPERAWSPWIAELDIYRQDCAHVDIISPGTF
EKIGPIIRATLNR
;
_entity_poly.pdbx_strand_id   A,B
#
# COMPACT_ATOMS: atom_id res chain seq x y z
N PRO A 4 -21.14 4.37 -19.84
CA PRO A 4 -22.08 3.28 -19.43
C PRO A 4 -23.23 3.84 -18.62
N GLY A 5 -24.10 2.96 -18.14
CA GLY A 5 -25.24 3.39 -17.36
C GLY A 5 -26.06 4.42 -18.10
N ARG A 6 -26.86 5.18 -17.35
CA ARG A 6 -27.70 6.22 -17.94
C ARG A 6 -27.26 7.60 -17.47
N ALA A 7 -28.13 8.57 -17.68
CA ALA A 7 -27.90 9.94 -17.24
C ALA A 7 -29.00 10.21 -16.24
N PRO A 8 -28.79 11.17 -15.32
CA PRO A 8 -29.81 11.47 -14.31
C PRO A 8 -31.21 11.61 -14.93
N LYS A 9 -32.20 11.03 -14.26
CA LYS A 9 -33.57 11.10 -14.74
C LYS A 9 -34.21 12.39 -14.22
N ALA A 10 -35.34 12.77 -14.82
CA ALA A 10 -36.04 13.98 -14.41
C ALA A 10 -36.45 13.86 -12.94
N GLY A 11 -36.41 14.99 -12.24
CA GLY A 11 -36.82 15.00 -10.84
C GLY A 11 -35.74 14.70 -9.82
N SER A 12 -35.99 13.71 -8.98
CA SER A 12 -35.06 13.31 -7.92
C SER A 12 -33.62 13.14 -8.37
N GLU A 13 -33.38 12.27 -9.36
CA GLU A 13 -32.02 12.04 -9.85
C GLU A 13 -31.35 13.31 -10.35
N THR A 14 -32.10 14.16 -11.04
CA THR A 14 -31.56 15.41 -11.55
C THR A 14 -31.19 16.33 -10.39
N ILE A 15 -32.06 16.39 -9.39
CA ILE A 15 -31.81 17.21 -8.21
C ILE A 15 -30.59 16.70 -7.46
N ILE A 16 -30.41 15.38 -7.43
CA ILE A 16 -29.27 14.76 -6.74
C ILE A 16 -27.98 15.04 -7.48
N ALA A 17 -28.00 14.90 -8.80
CA ALA A 17 -26.83 15.15 -9.63
C ALA A 17 -26.36 16.60 -9.48
N ALA A 18 -27.30 17.53 -9.51
CA ALA A 18 -26.97 18.94 -9.36
C ALA A 18 -26.29 19.18 -8.01
N ALA A 19 -26.78 18.49 -6.97
CA ALA A 19 -26.22 18.61 -5.64
C ALA A 19 -24.78 18.11 -5.65
N PHE A 20 -24.58 16.94 -6.27
CA PHE A 20 -23.24 16.35 -6.39
C PHE A 20 -22.30 17.37 -7.03
N SER A 21 -22.65 17.79 -8.23
CA SER A 21 -21.86 18.76 -8.99
C SER A 21 -21.42 19.94 -8.13
N SER A 22 -22.36 20.52 -7.41
CA SER A 22 -22.11 21.67 -6.55
C SER A 22 -21.04 21.38 -5.50
N LEU A 23 -21.03 20.16 -4.96
CA LEU A 23 -20.07 19.78 -3.94
C LEU A 23 -18.75 19.24 -4.46
N LEU A 24 -18.78 18.16 -5.24
CA LEU A 24 -17.57 17.56 -5.78
C LEU A 24 -16.88 18.41 -6.85
N GLY A 25 -17.66 19.27 -7.51
CA GLY A 25 -17.11 20.12 -8.54
C GLY A 25 -17.02 19.46 -9.91
N CYS A 26 -18.17 19.12 -10.48
CA CYS A 26 -18.23 18.49 -11.79
C CYS A 26 -19.66 18.10 -12.16
N VAL A 28 -22.33 15.61 -11.37
CA VAL A 28 -22.75 14.29 -11.81
C VAL A 28 -23.12 14.31 -13.29
N GLN A 29 -22.61 13.33 -14.03
CA GLN A 29 -22.89 13.21 -15.45
C GLN A 29 -23.78 12.00 -15.74
N ASP A 30 -23.68 10.97 -14.90
CA ASP A 30 -24.49 9.78 -15.06
C ASP A 30 -25.05 9.30 -13.72
N ALA A 31 -26.13 8.53 -13.78
CA ALA A 31 -26.79 8.02 -12.58
C ALA A 31 -25.96 7.05 -11.74
N ASP A 32 -24.88 6.52 -12.32
CA ASP A 32 -24.03 5.57 -11.62
C ASP A 32 -22.75 6.17 -11.03
N ALA A 33 -22.74 7.47 -10.83
CA ALA A 33 -21.57 8.14 -10.27
C ALA A 33 -21.47 7.91 -8.76
N ASP A 34 -20.34 7.38 -8.30
CA ASP A 34 -20.14 7.11 -6.87
C ASP A 34 -19.58 8.32 -6.12
N PHE A 35 -20.31 8.85 -5.17
CA PHE A 35 -19.96 10.02 -4.37
C PHE A 35 -18.58 9.93 -3.73
N PHE A 36 -18.26 8.77 -3.15
CA PHE A 36 -16.98 8.59 -2.47
C PHE A 36 -15.77 8.24 -3.34
N ALA A 37 -15.96 7.41 -4.33
CA ALA A 37 -14.84 7.05 -5.19
C ALA A 37 -14.27 8.30 -5.88
N LEU A 38 -15.12 9.30 -6.06
CA LEU A 38 -14.70 10.54 -6.71
C LEU A 38 -14.00 11.54 -5.78
N GLY A 39 -14.14 11.35 -4.48
CA GLY A 39 -13.49 12.26 -3.55
C GLY A 39 -14.36 12.70 -2.37
N GLY A 40 -15.63 12.31 -2.40
CA GLY A 40 -16.52 12.68 -1.31
C GLY A 40 -16.18 11.99 0.00
N HIS A 41 -16.77 12.46 1.08
CA HIS A 41 -16.58 11.88 2.41
C HIS A 41 -17.78 12.25 3.28
C UF0 A 42 -19.37 13.35 5.63
N UF0 A 42 -17.87 11.65 4.46
O UF0 A 42 -20.55 13.68 5.72
O1 UF0 A 42 -11.48 5.01 22.14
CA UF0 A 42 -19.01 11.90 5.36
CB UF0 A 42 -18.81 11.16 6.68
O1A UF0 A 42 -18.06 10.40 9.55
C1B UF0 A 42 -18.34 11.34 10.57
C1C UF0 A 42 -18.17 10.68 11.93
C1D UF0 A 42 -16.74 10.13 12.03
C1E UF0 A 42 -16.51 9.61 13.42
N1F UF0 A 42 -15.49 10.15 14.09
O1G UF0 A 42 -17.22 8.74 13.88
C1H UF0 A 42 -15.07 9.83 15.44
C1I UF0 A 42 -13.90 8.86 15.26
C1J UF0 A 42 -13.56 8.23 16.59
N1K UF0 A 42 -12.49 8.72 17.22
O1L UF0 A 42 -14.24 7.32 17.04
C1M UF0 A 42 -11.97 8.29 18.51
C1N UF0 A 42 -11.06 7.11 18.19
N1O UF0 A 42 -10.69 6.55 19.48
C1P UF0 A 42 -18.36 11.71 13.04
C1Q UF0 A 42 -19.15 9.54 12.09
P1R UF0 A 42 -16.92 10.70 8.45
O1S UF0 A 42 -15.84 11.52 9.10
O1T UF0 A 42 -16.57 9.40 7.76
C1U UF0 A 42 -10.81 5.28 19.85
C1V UF0 A 42 -10.37 4.94 21.25
O1W UF0 A 42 -11.25 4.41 19.12
O1X UF0 A 42 -15.81 11.16 11.74
O1Y UF0 A 42 -17.69 11.64 7.41
N LEU A 43 -18.38 14.24 5.74
CA LEU A 43 -18.72 15.64 5.99
C LEU A 43 -19.37 16.25 4.75
N LEU A 44 -18.83 15.93 3.58
CA LEU A 44 -19.38 16.46 2.34
C LEU A 44 -20.77 15.86 2.12
N ALA A 45 -21.04 14.74 2.79
CA ALA A 45 -22.33 14.06 2.68
C ALA A 45 -23.33 14.75 3.61
N MET A 46 -22.83 15.29 4.74
CA MET A 46 -23.70 15.97 5.69
C MET A 46 -24.23 17.22 5.03
N LYS A 47 -23.44 17.77 4.12
CA LYS A 47 -23.83 18.98 3.38
C LYS A 47 -24.88 18.62 2.35
N LEU A 48 -24.65 17.50 1.67
CA LEU A 48 -25.58 17.02 0.64
C LEU A 48 -26.95 16.78 1.28
N ALA A 49 -26.97 15.98 2.33
CA ALA A 49 -28.21 15.65 3.03
C ALA A 49 -29.00 16.90 3.47
N ALA A 50 -28.33 17.81 4.10
CA ALA A 50 -29.00 19.00 4.55
C ALA A 50 -29.46 19.82 3.35
N GLN A 51 -28.64 19.84 2.30
CA GLN A 51 -28.97 20.57 1.09
C GLN A 51 -30.26 20.05 0.47
N LEU A 52 -30.24 18.77 0.09
CA LEU A 52 -31.40 18.12 -0.51
C LEU A 52 -32.63 18.21 0.39
N SER A 53 -32.43 18.06 1.70
CA SER A 53 -33.52 18.14 2.67
C SER A 53 -34.32 19.44 2.52
N ARG A 54 -33.61 20.57 2.57
CA ARG A 54 -34.25 21.87 2.41
C ARG A 54 -34.79 22.03 1.01
N GLN A 55 -34.22 21.28 0.08
CA GLN A 55 -34.60 21.36 -1.33
C GLN A 55 -35.86 20.59 -1.71
N VAL A 56 -36.01 19.36 -1.22
CA VAL A 56 -37.20 18.56 -1.54
C VAL A 56 -38.20 18.48 -0.40
N ALA A 57 -37.98 19.26 0.66
CA ALA A 57 -38.87 19.29 1.80
C ALA A 57 -39.07 17.89 2.38
N ARG A 58 -37.96 17.19 2.63
CA ARG A 58 -38.02 15.85 3.19
C ARG A 58 -36.75 15.58 3.99
N GLN A 59 -36.88 14.74 5.01
CA GLN A 59 -35.74 14.40 5.84
C GLN A 59 -34.75 13.50 5.11
N VAL A 60 -33.66 14.08 4.65
CA VAL A 60 -32.61 13.35 3.96
C VAL A 60 -31.48 13.30 4.98
N THR A 61 -30.94 12.11 5.22
CA THR A 61 -29.86 11.98 6.20
C THR A 61 -28.52 11.67 5.57
N PRO A 62 -27.43 12.03 6.25
CA PRO A 62 -26.07 11.77 5.73
C PRO A 62 -25.92 10.26 5.64
N GLY A 63 -26.57 9.56 6.57
CA GLY A 63 -26.52 8.12 6.59
C GLY A 63 -27.05 7.52 5.29
N GLN A 64 -28.07 8.17 4.72
CA GLN A 64 -28.65 7.69 3.48
C GLN A 64 -27.61 7.79 2.35
N VAL A 65 -26.79 8.82 2.40
CA VAL A 65 -25.75 9.00 1.38
C VAL A 65 -24.64 7.97 1.54
N MET A 66 -24.33 7.65 2.79
CA MET A 66 -23.27 6.69 3.06
C MET A 66 -23.60 5.33 2.45
N VAL A 67 -24.87 4.94 2.48
CA VAL A 67 -25.25 3.63 1.95
C VAL A 67 -25.83 3.65 0.54
N ALA A 68 -26.01 4.84 -0.01
CA ALA A 68 -26.54 4.98 -1.37
C ALA A 68 -25.69 6.04 -2.04
N SER A 69 -24.40 5.74 -2.16
CA SER A 69 -23.42 6.64 -2.74
C SER A 69 -23.62 6.98 -4.21
N THR A 70 -24.65 6.39 -4.81
CA THR A 70 -24.97 6.60 -6.22
C THR A 70 -26.17 7.54 -6.38
N VAL A 71 -26.18 8.31 -7.46
CA VAL A 71 -27.30 9.21 -7.75
C VAL A 71 -28.55 8.35 -7.80
N ALA A 72 -28.45 7.24 -8.52
CA ALA A 72 -29.56 6.30 -8.69
C ALA A 72 -30.08 5.80 -7.34
N LYS A 73 -29.17 5.21 -6.56
CA LYS A 73 -29.51 4.66 -5.25
C LYS A 73 -30.06 5.69 -4.28
N LEU A 74 -29.43 6.86 -4.20
CA LEU A 74 -29.91 7.89 -3.29
C LEU A 74 -31.27 8.42 -3.74
N ALA A 75 -31.47 8.46 -5.05
CA ALA A 75 -32.75 8.94 -5.60
C ALA A 75 -33.87 7.99 -5.17
N THR A 76 -33.56 6.70 -5.18
CA THR A 76 -34.52 5.67 -4.80
C THR A 76 -34.88 5.81 -3.33
N ILE A 77 -33.91 6.19 -2.52
CA ILE A 77 -34.13 6.37 -1.08
C ILE A 77 -35.09 7.51 -0.84
N ILE A 78 -34.91 8.60 -1.58
CA ILE A 78 -35.77 9.77 -1.45
C ILE A 78 -37.16 9.50 -2.03
N ASP A 79 -37.22 8.69 -3.07
CA ASP A 79 -38.48 8.33 -3.72
C ASP A 79 -39.31 7.32 -2.93
N ALA A 80 -38.63 6.48 -2.16
CA ALA A 80 -39.31 5.46 -1.37
C ALA A 80 -39.99 6.03 -0.14
N GLU A 81 -40.86 5.24 0.48
CA GLU A 81 -41.56 5.67 1.69
C GLU A 81 -40.52 5.98 2.75
N GLU A 82 -40.43 7.25 3.11
CA GLU A 82 -39.47 7.74 4.09
C GLU A 82 -39.57 7.08 5.46
N ASP A 83 -40.53 6.17 5.60
CA ASP A 83 -40.71 5.46 6.87
C ASP A 83 -39.84 4.20 6.91
N SER A 84 -39.27 3.84 5.77
CA SER A 84 -38.43 2.66 5.68
C SER A 84 -36.95 3.00 5.50
N THR A 85 -36.66 4.30 5.39
CA THR A 85 -35.28 4.74 5.19
C THR A 85 -34.75 5.57 6.34
N ARG A 86 -35.54 5.69 7.40
CA ARG A 86 -35.14 6.48 8.56
C ARG A 86 -33.84 6.06 9.24
N ARG A 87 -33.59 4.76 9.32
CA ARG A 87 -32.38 4.28 9.99
C ARG A 87 -31.20 3.95 9.07
N MET A 88 -31.31 4.28 7.78
CA MET A 88 -30.23 3.96 6.86
C MET A 88 -28.92 4.67 7.19
N GLY A 89 -27.87 3.88 7.34
CA GLY A 89 -26.56 4.40 7.69
C GLY A 89 -26.35 4.34 9.18
N PHE A 90 -27.41 4.01 9.91
CA PHE A 90 -27.36 3.95 11.37
C PHE A 90 -27.58 2.54 11.93
N GLU A 91 -27.50 1.54 11.07
CA GLU A 91 -27.71 0.18 11.51
C GLU A 91 -26.41 -0.59 11.73
N THR A 92 -26.53 -1.76 12.36
CA THR A 92 -25.38 -2.60 12.64
C THR A 92 -24.52 -2.81 11.40
N ILE A 93 -25.16 -3.17 10.30
CA ILE A 93 -24.48 -3.39 9.02
C ILE A 93 -24.50 -2.13 8.18
N LEU A 94 -23.34 -1.70 7.71
CA LEU A 94 -23.21 -0.49 6.90
C LEU A 94 -22.63 -0.88 5.55
N PRO A 95 -23.49 -1.02 4.53
CA PRO A 95 -23.01 -1.40 3.20
C PRO A 95 -22.42 -0.23 2.41
N LEU A 96 -21.14 0.05 2.66
CA LEU A 96 -20.46 1.15 1.97
C LEU A 96 -20.32 0.86 0.48
N ARG A 97 -20.10 -0.41 0.16
CA ARG A 97 -19.97 -0.83 -1.23
C ARG A 97 -20.23 -2.33 -1.34
N GLU A 98 -21.06 -2.71 -2.31
CA GLU A 98 -21.37 -4.12 -2.51
C GLU A 98 -20.64 -4.61 -3.76
N GLY A 99 -19.90 -5.70 -3.63
CA GLY A 99 -19.18 -6.25 -4.76
C GLY A 99 -19.63 -7.68 -5.01
N ASN A 100 -19.07 -8.33 -6.03
CA ASN A 100 -19.44 -9.70 -6.34
C ASN A 100 -18.28 -10.63 -6.04
N GLY A 101 -17.54 -10.31 -4.99
CA GLY A 101 -16.41 -11.12 -4.61
C GLY A 101 -16.26 -11.16 -3.10
N PRO A 102 -15.03 -11.14 -2.58
CA PRO A 102 -14.82 -11.18 -1.13
C PRO A 102 -15.32 -9.92 -0.45
N THR A 103 -15.37 -9.95 0.87
CA THR A 103 -15.84 -8.82 1.67
C THR A 103 -14.80 -8.40 2.70
N LEU A 104 -14.57 -7.10 2.81
CA LEU A 104 -13.66 -6.58 3.81
C LEU A 104 -14.57 -6.00 4.89
N PHE A 105 -14.58 -6.62 6.06
CA PHE A 105 -15.40 -6.14 7.15
C PHE A 105 -14.57 -5.14 7.95
N CYS A 106 -15.13 -3.94 8.12
CA CYS A 106 -14.46 -2.86 8.83
C CYS A 106 -15.17 -2.54 10.13
N PHE A 107 -14.43 -2.59 11.24
CA PHE A 107 -14.98 -2.33 12.55
C PHE A 107 -14.85 -0.90 13.05
N HIS A 108 -15.96 -0.38 13.56
CA HIS A 108 -16.10 0.98 14.07
C HIS A 108 -15.17 1.37 15.22
N PRO A 109 -14.82 2.67 15.30
CA PRO A 109 -13.95 3.19 16.37
C PRO A 109 -14.92 3.48 17.54
N ALA A 110 -14.47 4.21 18.55
CA ALA A 110 -15.30 4.50 19.73
C ALA A 110 -16.65 5.16 19.46
N SER A 111 -16.78 5.85 18.33
CA SER A 111 -18.03 6.53 17.98
C SER A 111 -19.14 5.53 17.69
N GLY A 112 -18.77 4.31 17.33
CA GLY A 112 -19.76 3.30 17.01
C GLY A 112 -20.17 3.34 15.54
N PHE A 113 -19.67 4.33 14.80
CA PHE A 113 -19.98 4.46 13.38
C PHE A 113 -18.81 4.01 12.50
N ALA A 114 -19.09 3.45 11.34
CA ALA A 114 -18.03 3.00 10.45
C ALA A 114 -18.00 3.83 9.14
N TRP A 115 -18.59 5.02 9.18
CA TRP A 115 -18.65 5.90 8.00
C TRP A 115 -17.28 6.28 7.46
N GLN A 116 -16.29 6.40 8.34
CA GLN A 116 -14.94 6.79 7.92
C GLN A 116 -14.29 5.81 6.97
N PHE A 117 -14.77 4.57 6.97
CA PHE A 117 -14.19 3.57 6.07
C PHE A 117 -14.58 3.79 4.60
N SER A 118 -15.39 4.81 4.33
CA SER A 118 -15.78 5.11 2.95
C SER A 118 -14.52 5.42 2.12
N VAL A 119 -13.45 5.81 2.81
CA VAL A 119 -12.19 6.14 2.14
C VAL A 119 -11.60 4.97 1.36
N LEU A 120 -12.04 3.74 1.69
CA LEU A 120 -11.56 2.54 1.01
C LEU A 120 -12.15 2.37 -0.40
N SER A 121 -13.29 3.01 -0.64
CA SER A 121 -13.97 2.90 -1.93
C SER A 121 -13.11 3.20 -3.14
N ARG A 122 -12.23 4.19 -3.03
CA ARG A 122 -11.36 4.59 -4.12
C ARG A 122 -10.17 3.66 -4.35
N TYR A 123 -9.92 2.75 -3.43
CA TYR A 123 -8.75 1.86 -3.53
C TYR A 123 -8.97 0.39 -3.83
N LEU A 124 -10.01 -0.20 -3.25
CA LEU A 124 -10.26 -1.61 -3.46
C LEU A 124 -10.82 -1.95 -4.83
N ASP A 125 -10.31 -3.02 -5.41
CA ASP A 125 -10.76 -3.48 -6.72
C ASP A 125 -12.27 -3.67 -6.64
N PRO A 126 -12.98 -3.54 -7.77
CA PRO A 126 -14.43 -3.67 -7.90
C PRO A 126 -15.09 -4.87 -7.24
N GLN A 127 -14.47 -6.03 -7.34
CA GLN A 127 -15.06 -7.25 -6.79
C GLN A 127 -15.29 -7.18 -5.27
N TRP A 128 -14.55 -6.31 -4.59
CA TRP A 128 -14.68 -6.22 -3.14
C TRP A 128 -15.87 -5.47 -2.57
N SER A 129 -16.50 -6.08 -1.56
CA SER A 129 -17.58 -5.43 -0.84
C SER A 129 -16.85 -4.80 0.34
N ILE A 130 -17.31 -3.63 0.75
CA ILE A 130 -16.72 -2.93 1.89
C ILE A 130 -17.91 -2.79 2.84
N ILE A 131 -17.89 -3.58 3.90
CA ILE A 131 -18.98 -3.60 4.87
C ILE A 131 -18.53 -3.15 6.25
N GLY A 132 -19.15 -2.08 6.74
CA GLY A 132 -18.81 -1.58 8.06
C GLY A 132 -19.68 -2.22 9.10
N ILE A 133 -19.12 -2.40 10.30
CA ILE A 133 -19.84 -2.99 11.41
C ILE A 133 -19.97 -1.86 12.43
N GLN A 134 -21.21 -1.53 12.80
CA GLN A 134 -21.46 -0.42 13.72
C GLN A 134 -22.15 -0.86 15.01
N SER A 135 -22.31 0.09 15.92
CA SER A 135 -22.96 -0.15 17.22
C SER A 135 -23.98 0.98 17.38
N PRO A 136 -25.19 0.77 16.87
CA PRO A 136 -26.20 1.81 17.01
C PRO A 136 -26.76 1.92 18.41
N ARG A 137 -27.56 2.96 18.63
CA ARG A 137 -28.20 3.19 19.91
C ARG A 137 -29.69 3.42 19.62
N PRO A 138 -30.58 2.82 20.42
CA PRO A 138 -30.17 1.98 21.54
C PRO A 138 -29.94 0.53 21.10
N ASN A 139 -29.53 -0.30 22.04
CA ASN A 139 -29.33 -1.71 21.78
C ASN A 139 -28.14 -2.19 20.95
N GLY A 140 -27.25 -1.28 20.57
CA GLY A 140 -26.05 -1.71 19.86
C GLY A 140 -25.23 -2.37 20.95
N PRO A 141 -24.26 -3.24 20.64
CA PRO A 141 -23.48 -3.89 21.70
C PRO A 141 -22.70 -2.99 22.65
N MET A 142 -22.21 -1.85 22.18
CA MET A 142 -21.44 -0.96 23.06
C MET A 142 -22.30 -0.46 24.22
N GLN A 143 -23.58 -0.22 23.94
CA GLN A 143 -24.50 0.26 24.97
C GLN A 143 -24.95 -0.82 25.94
N THR A 144 -25.20 -2.02 25.42
CA THR A 144 -25.68 -3.13 26.26
C THR A 144 -24.61 -4.05 26.87
N ALA A 145 -23.40 -4.03 26.33
CA ALA A 145 -22.32 -4.88 26.85
C ALA A 145 -21.84 -4.51 28.24
N ALA A 146 -21.59 -5.52 29.06
CA ALA A 146 -21.09 -5.32 30.40
C ALA A 146 -19.57 -5.20 30.33
N ASN A 147 -18.97 -5.89 29.36
CA ASN A 147 -17.52 -5.85 29.14
C ASN A 147 -17.23 -5.91 27.65
N LEU A 148 -15.98 -5.65 27.27
CA LEU A 148 -15.64 -5.64 25.85
C LEU A 148 -15.76 -7.02 25.21
N ASP A 149 -15.54 -8.06 26.00
CA ASP A 149 -15.67 -9.42 25.47
C ASP A 149 -17.07 -9.62 24.89
N GLU A 150 -18.07 -9.04 25.56
CA GLU A 150 -19.45 -9.16 25.09
C GLU A 150 -19.63 -8.50 23.73
N VAL A 151 -18.90 -7.40 23.50
CA VAL A 151 -18.99 -6.70 22.24
C VAL A 151 -18.33 -7.52 21.14
N CYS A 152 -17.21 -8.16 21.45
CA CYS A 152 -16.52 -8.99 20.46
C CYS A 152 -17.40 -10.17 20.09
N GLU A 153 -18.05 -10.76 21.09
CA GLU A 153 -18.92 -11.90 20.83
C GLU A 153 -20.12 -11.50 19.99
N ALA A 154 -20.67 -10.31 20.24
CA ALA A 154 -21.82 -9.84 19.48
C ALA A 154 -21.45 -9.57 18.02
N HIS A 155 -20.32 -8.90 17.81
CA HIS A 155 -19.87 -8.61 16.45
C HIS A 155 -19.49 -9.90 15.72
N LEU A 156 -18.94 -10.87 16.44
CA LEU A 156 -18.57 -12.14 15.83
C LEU A 156 -19.81 -12.81 15.27
N ALA A 157 -20.89 -12.80 16.06
CA ALA A 157 -22.15 -13.40 15.62
C ALA A 157 -22.67 -12.65 14.40
N THR A 158 -22.54 -11.33 14.39
CA THR A 158 -22.97 -10.54 13.25
C THR A 158 -22.14 -10.93 12.02
N LEU A 159 -20.83 -11.01 12.20
CA LEU A 159 -19.93 -11.37 11.11
C LEU A 159 -20.28 -12.74 10.53
N LEU A 160 -20.47 -13.73 11.39
CA LEU A 160 -20.79 -15.08 10.94
C LEU A 160 -22.11 -15.15 10.19
N GLU A 161 -23.02 -14.22 10.47
CA GLU A 161 -24.30 -14.18 9.79
C GLU A 161 -24.09 -13.63 8.38
N GLN A 162 -23.23 -12.62 8.28
CA GLN A 162 -22.92 -11.97 7.00
C GLN A 162 -22.09 -12.86 6.08
N GLN A 163 -21.22 -13.67 6.68
CA GLN A 163 -20.36 -14.57 5.94
C GLN A 163 -20.07 -15.79 6.82
N PRO A 164 -20.87 -16.85 6.68
CA PRO A 164 -20.71 -18.06 7.48
C PRO A 164 -19.39 -18.83 7.41
N HIS A 165 -18.67 -18.72 6.30
CA HIS A 165 -17.39 -19.42 6.15
C HIS A 165 -16.25 -18.50 5.73
N GLY A 166 -15.04 -18.87 6.12
CA GLY A 166 -13.88 -18.08 5.77
C GLY A 166 -13.45 -18.33 4.33
N PRO A 167 -12.30 -17.76 3.91
CA PRO A 167 -11.41 -16.93 4.74
C PRO A 167 -12.00 -15.56 5.03
N TYR A 168 -11.52 -14.92 6.10
CA TYR A 168 -12.01 -13.61 6.49
C TYR A 168 -10.97 -12.52 6.31
N TYR A 169 -11.47 -11.32 6.01
CA TYR A 169 -10.65 -10.14 5.81
C TYR A 169 -11.25 -9.10 6.74
N LEU A 170 -10.46 -8.67 7.72
CA LEU A 170 -10.92 -7.74 8.74
C LEU A 170 -10.06 -6.49 8.87
N LEU A 171 -10.69 -5.35 9.11
CA LEU A 171 -9.97 -4.10 9.27
C LEU A 171 -10.57 -3.34 10.45
N GLY A 172 -9.73 -2.83 11.32
CA GLY A 172 -10.24 -2.10 12.48
C GLY A 172 -9.47 -0.81 12.71
N TYR A 173 -10.16 0.18 13.25
CA TYR A 173 -9.55 1.47 13.54
C TYR A 173 -9.73 1.76 15.03
N SER A 174 -8.61 1.92 15.72
CA SER A 174 -8.61 2.21 17.16
C SER A 174 -9.42 1.13 17.88
N LEU A 175 -10.47 1.52 18.61
CA LEU A 175 -11.31 0.53 19.29
C LEU A 175 -11.73 -0.60 18.34
N GLY A 176 -12.00 -0.22 17.09
CA GLY A 176 -12.39 -1.21 16.09
C GLY A 176 -11.25 -2.19 15.87
N GLY A 177 -10.02 -1.70 16.05
CA GLY A 177 -8.86 -2.56 15.87
C GLY A 177 -8.83 -3.60 16.97
N THR A 178 -9.13 -3.16 18.19
CA THR A 178 -9.16 -4.05 19.33
C THR A 178 -10.21 -5.14 19.09
N LEU A 179 -11.37 -4.72 18.60
CA LEU A 179 -12.46 -5.67 18.31
C LEU A 179 -12.08 -6.63 17.19
N ALA A 180 -11.50 -6.09 16.12
CA ALA A 180 -11.11 -6.91 14.99
C ALA A 180 -10.10 -7.98 15.42
N GLN A 181 -9.13 -7.59 16.23
CA GLN A 181 -8.10 -8.52 16.69
C GLN A 181 -8.69 -9.60 17.60
N GLY A 182 -9.67 -9.21 18.42
CA GLY A 182 -10.33 -10.15 19.31
C GLY A 182 -11.20 -11.10 18.51
N ILE A 183 -11.81 -10.59 17.44
CA ILE A 183 -12.64 -11.41 16.59
C ILE A 183 -11.77 -12.38 15.80
N ALA A 184 -10.61 -11.92 15.35
CA ALA A 184 -9.68 -12.77 14.60
C ALA A 184 -9.26 -13.94 15.49
N ALA A 185 -8.95 -13.64 16.75
CA ALA A 185 -8.53 -14.68 17.69
C ALA A 185 -9.64 -15.72 17.83
N ARG A 186 -10.88 -15.27 17.97
CA ARG A 186 -12.01 -16.16 18.09
C ARG A 186 -12.24 -17.00 16.83
N LEU A 187 -12.05 -16.39 15.66
CA LEU A 187 -12.24 -17.12 14.41
C LEU A 187 -11.21 -18.24 14.30
N ARG A 188 -9.97 -17.94 14.70
CA ARG A 188 -8.92 -18.95 14.64
C ARG A 188 -9.25 -20.12 15.58
N ALA A 189 -9.83 -19.82 16.74
CA ALA A 189 -10.20 -20.86 17.70
C ALA A 189 -11.30 -21.75 17.11
N ARG A 190 -11.97 -21.24 16.09
CA ARG A 190 -13.03 -21.98 15.42
C ARG A 190 -12.47 -22.70 14.20
N GLY A 191 -11.15 -22.69 14.07
CA GLY A 191 -10.51 -23.35 12.94
C GLY A 191 -10.73 -22.64 11.62
N GLU A 192 -11.08 -21.35 11.68
CA GLU A 192 -11.30 -20.57 10.47
C GLU A 192 -10.04 -19.81 10.07
N GLN A 193 -9.90 -19.50 8.80
CA GLN A 193 -8.73 -18.77 8.33
C GLN A 193 -8.97 -17.26 8.28
N VAL A 194 -8.02 -16.49 8.80
CA VAL A 194 -8.10 -15.04 8.76
C VAL A 194 -7.02 -14.61 7.78
N ALA A 195 -7.43 -14.36 6.54
CA ALA A 195 -6.50 -13.98 5.49
C ALA A 195 -5.93 -12.58 5.65
N PHE A 196 -6.67 -11.69 6.32
CA PHE A 196 -6.21 -10.33 6.52
C PHE A 196 -6.74 -9.71 7.82
N LEU A 197 -5.83 -9.17 8.62
CA LEU A 197 -6.22 -8.48 9.83
C LEU A 197 -5.49 -7.15 9.79
N GLY A 198 -6.20 -6.10 9.41
CA GLY A 198 -5.60 -4.79 9.33
C GLY A 198 -5.92 -3.99 10.57
N LEU A 199 -4.90 -3.36 11.13
CA LEU A 199 -5.04 -2.55 12.34
C LEU A 199 -4.59 -1.12 12.07
N LEU A 200 -5.50 -0.17 12.22
CA LEU A 200 -5.16 1.23 11.99
C LEU A 200 -4.81 1.84 13.35
N ASP A 201 -3.51 1.98 13.59
CA ASP A 201 -2.91 2.51 14.82
C ASP A 201 -3.61 2.02 16.07
N THR A 202 -3.72 0.70 16.20
CA THR A 202 -4.37 0.06 17.33
C THR A 202 -3.31 -0.45 18.29
N TRP A 203 -3.54 -0.28 19.59
CA TRP A 203 -2.60 -0.76 20.60
C TRP A 203 -3.31 -1.65 21.61
N PRO A 204 -2.58 -2.61 22.21
CA PRO A 204 -3.22 -3.49 23.20
C PRO A 204 -3.69 -2.62 24.36
N PRO A 205 -4.94 -2.79 24.83
CA PRO A 205 -5.41 -1.96 25.93
C PRO A 205 -4.50 -2.04 27.15
N GLU A 206 -3.81 -3.17 27.31
CA GLU A 206 -2.90 -3.38 28.42
C GLU A 206 -1.77 -2.35 28.46
N THR A 207 -1.35 -1.88 27.28
CA THR A 207 -0.28 -0.90 27.23
C THR A 207 -0.80 0.51 27.45
N GLN A 208 -2.06 0.59 27.90
CA GLN A 208 -2.70 1.87 28.16
C GLN A 208 -3.50 1.88 29.46
N ASN A 209 -3.99 0.71 29.86
CA ASN A 209 -4.78 0.59 31.09
C ASN A 209 -3.95 0.61 32.37
N TRP A 210 -2.68 0.25 32.27
CA TRP A 210 -1.82 0.25 33.46
C TRP A 210 -1.77 1.64 34.09
N GLN A 211 -2.12 2.66 33.32
CA GLN A 211 -2.12 4.03 33.81
C GLN A 211 -3.10 4.20 34.95
N GLY A 217 -12.18 7.57 33.06
CA GLY A 217 -13.13 8.64 32.83
C GLY A 217 -13.03 9.19 31.42
N LEU A 218 -14.01 9.98 31.01
CA LEU A 218 -14.04 10.58 29.68
C LEU A 218 -12.77 11.41 29.50
N ASP A 219 -11.82 10.85 28.75
CA ASP A 219 -10.55 11.51 28.50
C ASP A 219 -9.87 10.86 27.30
N PRO A 220 -9.05 11.63 26.57
CA PRO A 220 -8.77 13.05 26.83
C PRO A 220 -9.94 13.96 26.50
N GLU A 221 -9.92 15.17 27.04
CA GLU A 221 -10.99 16.13 26.77
C GLU A 221 -10.87 16.51 25.29
N VAL A 222 -9.67 16.34 24.74
CA VAL A 222 -9.41 16.64 23.34
C VAL A 222 -10.20 15.68 22.47
N LEU A 223 -10.45 14.48 22.99
CA LEU A 223 -11.21 13.46 22.28
C LEU A 223 -12.66 13.90 22.20
N ALA A 224 -13.02 14.84 23.08
CA ALA A 224 -14.36 15.39 23.13
C ALA A 224 -14.34 16.69 22.34
N GLU A 225 -13.12 17.22 22.15
CA GLU A 225 -12.91 18.46 21.43
C GLU A 225 -13.03 18.23 19.93
N ILE A 226 -12.33 17.21 19.43
CA ILE A 226 -12.39 16.91 18.00
C ILE A 226 -13.80 16.44 17.66
N ASN A 227 -14.44 15.80 18.63
CA ASN A 227 -15.80 15.32 18.44
C ASN A 227 -16.64 16.57 18.29
N ARG A 228 -16.27 17.60 19.03
CA ARG A 228 -16.96 18.89 19.00
C ARG A 228 -16.57 19.61 17.71
N GLU A 229 -15.40 19.27 17.18
CA GLU A 229 -14.92 19.89 15.96
C GLU A 229 -15.88 19.55 14.83
N ARG A 230 -16.08 18.25 14.58
CA ARG A 230 -17.00 17.81 13.54
C ARG A 230 -18.42 18.20 13.95
N GLU A 231 -18.60 18.45 15.24
CA GLU A 231 -19.90 18.86 15.76
C GLU A 231 -20.29 20.14 15.03
N ALA A 232 -19.36 21.09 14.99
CA ALA A 232 -19.58 22.36 14.33
C ALA A 232 -19.58 22.17 12.81
N PHE A 233 -18.64 21.37 12.33
CA PHE A 233 -18.52 21.11 10.89
C PHE A 233 -19.85 20.60 10.34
N LEU A 234 -20.49 19.69 11.07
CA LEU A 234 -21.77 19.12 10.67
C LEU A 234 -22.87 20.16 10.70
N ALA A 235 -22.94 20.91 11.80
CA ALA A 235 -23.96 21.93 11.96
C ALA A 235 -23.71 23.10 11.02
N ALA A 236 -22.55 23.10 10.38
CA ALA A 236 -22.19 24.16 9.44
C ALA A 236 -23.19 24.21 8.28
N GLN A 237 -23.76 23.05 7.96
CA GLN A 237 -24.74 22.95 6.88
C GLN A 237 -26.12 23.01 7.53
N GLN A 238 -26.17 23.70 8.67
CA GLN A 238 -27.40 23.89 9.44
C GLN A 238 -28.30 22.72 9.83
N GLY A 239 -27.83 21.91 10.78
CA GLY A 239 -28.61 20.79 11.23
C GLY A 239 -30.10 21.10 11.13
N SER A 240 -30.87 20.20 10.52
CA SER A 240 -32.27 20.46 10.26
C SER A 240 -33.09 19.51 11.15
N THR A 241 -33.37 19.94 12.38
CA THR A 241 -34.19 19.18 13.32
C THR A 241 -33.66 17.86 13.87
N SER A 242 -32.53 17.38 13.35
CA SER A 242 -31.99 16.10 13.80
C SER A 242 -30.67 16.28 14.54
N THR A 243 -30.50 15.51 15.60
CA THR A 243 -29.30 15.52 16.43
C THR A 243 -28.98 14.08 16.83
N GLU A 244 -29.63 13.13 16.18
CA GLU A 244 -29.43 11.72 16.48
C GLU A 244 -27.99 11.26 16.24
N LEU A 245 -27.34 11.84 15.24
CA LEU A 245 -25.98 11.46 14.93
C LEU A 245 -25.02 11.74 16.09
N PHE A 246 -24.91 12.99 16.50
CA PHE A 246 -23.97 13.29 17.58
C PHE A 246 -24.36 12.84 18.99
N THR A 247 -25.65 12.63 19.25
CA THR A 247 -26.02 12.15 20.58
C THR A 247 -25.62 10.68 20.63
N THR A 248 -25.71 10.00 19.49
CA THR A 248 -25.32 8.60 19.40
C THR A 248 -23.82 8.50 19.62
N ILE A 249 -23.07 9.37 18.94
CA ILE A 249 -21.62 9.38 19.06
C ILE A 249 -21.17 9.64 20.50
N GLU A 250 -21.75 10.64 21.14
CA GLU A 250 -21.39 10.95 22.51
C GLU A 250 -21.69 9.79 23.45
N GLY A 251 -22.85 9.17 23.23
CA GLY A 251 -23.24 8.05 24.08
C GLY A 251 -22.30 6.88 23.92
N ASN A 252 -21.92 6.58 22.68
CA ASN A 252 -21.00 5.47 22.42
C ASN A 252 -19.59 5.74 22.96
N TYR A 253 -19.15 7.00 22.86
CA TYR A 253 -17.83 7.39 23.36
C TYR A 253 -17.74 7.05 24.84
N ALA A 254 -18.79 7.41 25.58
CA ALA A 254 -18.83 7.17 27.01
C ALA A 254 -18.74 5.68 27.28
N ASP A 255 -19.44 4.89 26.49
CA ASP A 255 -19.41 3.45 26.68
C ASP A 255 -18.06 2.87 26.27
N ALA A 256 -17.44 3.44 25.24
CA ALA A 256 -16.13 2.96 24.80
C ALA A 256 -15.13 3.10 25.95
N VAL A 257 -15.15 4.26 26.60
CA VAL A 257 -14.26 4.53 27.73
C VAL A 257 -14.51 3.47 28.79
N ARG A 258 -15.77 3.27 29.12
CA ARG A 258 -16.19 2.28 30.11
C ARG A 258 -15.65 0.89 29.76
N LEU A 259 -15.94 0.45 28.54
CA LEU A 259 -15.52 -0.87 28.07
C LEU A 259 -14.02 -1.10 27.98
N LEU A 260 -13.27 -0.08 27.57
CA LEU A 260 -11.83 -0.25 27.45
C LEU A 260 -11.16 -0.63 28.77
N THR A 261 -11.77 -0.25 29.89
CA THR A 261 -11.22 -0.60 31.20
C THR A 261 -11.42 -2.10 31.50
N THR A 262 -12.37 -2.72 30.80
CA THR A 262 -12.64 -4.14 30.99
C THR A 262 -11.93 -4.98 29.92
N ALA A 263 -11.22 -4.30 29.03
CA ALA A 263 -10.53 -4.94 27.91
C ALA A 263 -9.25 -5.70 28.22
N HIS A 264 -9.18 -6.92 27.71
CA HIS A 264 -8.01 -7.77 27.86
C HIS A 264 -7.79 -8.44 26.49
N SER A 265 -6.56 -8.40 26.01
CA SER A 265 -6.23 -8.99 24.71
C SER A 265 -6.12 -10.51 24.77
N VAL A 266 -6.36 -11.15 23.62
CA VAL A 266 -6.28 -12.60 23.49
C VAL A 266 -5.26 -12.86 22.37
N PRO A 267 -4.53 -13.99 22.45
CA PRO A 267 -3.54 -14.27 21.40
C PRO A 267 -4.14 -14.60 20.03
N PHE A 268 -3.59 -13.99 18.98
CA PHE A 268 -4.03 -14.25 17.61
C PHE A 268 -2.87 -14.92 16.91
N ASP A 269 -3.02 -16.20 16.58
CA ASP A 269 -1.95 -16.91 15.90
C ASP A 269 -2.10 -16.71 14.40
N GLY A 270 -1.75 -15.51 13.96
CA GLY A 270 -1.84 -15.20 12.55
C GLY A 270 -1.02 -13.96 12.29
N LYS A 271 -1.10 -13.44 11.08
CA LYS A 271 -0.35 -12.25 10.72
C LYS A 271 -1.26 -11.05 10.67
N ALA A 272 -0.80 -9.95 11.25
CA ALA A 272 -1.56 -8.71 11.24
C ALA A 272 -0.77 -7.65 10.48
N THR A 273 -1.50 -6.73 9.87
CA THR A 273 -0.91 -5.63 9.12
C THR A 273 -1.25 -4.38 9.93
N LEU A 274 -0.24 -3.78 10.54
CA LEU A 274 -0.42 -2.58 11.37
C LEU A 274 0.07 -1.29 10.74
N PHE A 275 -0.79 -0.28 10.76
CA PHE A 275 -0.44 1.02 10.23
C PHE A 275 -0.25 1.90 11.44
N VAL A 276 0.98 2.36 11.63
CA VAL A 276 1.34 3.16 12.79
C VAL A 276 1.39 4.68 12.57
N ALA A 277 0.78 5.43 13.48
CA ALA A 277 0.81 6.89 13.39
C ALA A 277 2.10 7.30 14.10
N GLU A 278 3.15 7.54 13.32
CA GLU A 278 4.46 7.91 13.86
C GLU A 278 4.47 9.11 14.82
N ARG A 279 3.75 10.16 14.46
CA ARG A 279 3.73 11.37 15.27
C ARG A 279 3.25 11.21 16.71
N THR A 280 2.44 10.20 16.97
CA THR A 280 1.94 10.01 18.33
C THR A 280 2.50 8.77 19.03
N LEU A 281 3.65 8.30 18.57
CA LEU A 281 4.30 7.13 19.16
C LEU A 281 4.94 7.50 20.49
N GLN A 282 4.87 6.59 21.46
CA GLN A 282 5.44 6.84 22.77
C GLN A 282 6.89 6.38 22.80
N GLU A 283 7.76 7.21 23.37
CA GLU A 283 9.17 6.88 23.48
C GLU A 283 9.34 5.71 24.42
N GLY A 284 9.84 4.58 23.91
CA GLY A 284 10.05 3.43 24.74
C GLY A 284 9.13 2.24 24.45
N MET A 285 7.97 2.50 23.86
CA MET A 285 7.03 1.42 23.55
C MET A 285 6.81 1.31 22.05
N SER A 286 7.61 0.48 21.39
CA SER A 286 7.49 0.27 19.95
C SER A 286 6.28 -0.61 19.67
N PRO A 287 5.79 -0.59 18.43
CA PRO A 287 4.62 -1.42 18.08
C PRO A 287 4.94 -2.91 18.19
N GLU A 288 6.16 -3.28 17.83
CA GLU A 288 6.58 -4.67 17.89
C GLU A 288 6.58 -5.20 19.30
N ARG A 289 7.05 -4.38 20.23
CA ARG A 289 7.11 -4.77 21.62
C ARG A 289 5.74 -4.87 22.28
N ALA A 290 4.86 -3.94 21.93
CA ALA A 290 3.52 -3.91 22.50
C ALA A 290 2.67 -5.11 22.09
N TRP A 291 2.78 -5.51 20.83
CA TRP A 291 1.97 -6.61 20.31
C TRP A 291 2.57 -8.00 20.38
N SER A 292 3.83 -8.08 20.75
CA SER A 292 4.51 -9.37 20.80
C SER A 292 3.74 -10.54 21.42
N PRO A 293 3.12 -10.33 22.61
CA PRO A 293 2.37 -11.43 23.23
C PRO A 293 1.03 -11.79 22.59
N TRP A 294 0.48 -10.90 21.78
CA TRP A 294 -0.85 -11.12 21.21
C TRP A 294 -1.02 -11.30 19.70
N ILE A 295 0.03 -11.06 18.94
CA ILE A 295 -0.03 -11.26 17.49
C ILE A 295 1.25 -11.98 17.08
N ALA A 296 1.10 -13.14 16.44
CA ALA A 296 2.26 -13.94 16.04
C ALA A 296 3.19 -13.25 15.05
N GLU A 297 2.64 -12.79 13.93
CA GLU A 297 3.43 -12.13 12.92
C GLU A 297 2.86 -10.73 12.67
N LEU A 298 3.74 -9.74 12.57
CA LEU A 298 3.30 -8.37 12.39
C LEU A 298 4.05 -7.64 11.26
N ASP A 299 3.29 -7.16 10.27
CA ASP A 299 3.87 -6.38 9.18
C ASP A 299 3.49 -4.93 9.49
N ILE A 300 4.49 -4.11 9.77
CA ILE A 300 4.25 -2.71 10.14
C ILE A 300 4.54 -1.68 9.06
N TYR A 301 3.62 -0.74 8.87
CA TYR A 301 3.79 0.34 7.90
C TYR A 301 3.61 1.66 8.63
N ARG A 302 4.72 2.37 8.85
CA ARG A 302 4.69 3.65 9.56
C ARG A 302 4.18 4.79 8.67
N GLN A 303 3.28 5.59 9.23
CA GLN A 303 2.70 6.72 8.50
C GLN A 303 3.08 8.02 9.22
N ASP A 304 3.31 9.08 8.46
CA ASP A 304 3.69 10.36 9.06
C ASP A 304 2.46 11.15 9.47
N CYS A 305 1.79 10.67 10.51
CA CYS A 305 0.58 11.33 11.01
C CYS A 305 0.35 11.06 12.47
N ALA A 306 -0.67 11.72 13.00
CA ALA A 306 -1.07 11.55 14.39
C ALA A 306 -2.19 10.50 14.40
N HIS A 307 -2.42 9.91 15.56
CA HIS A 307 -3.45 8.89 15.75
C HIS A 307 -4.77 9.20 15.06
N VAL A 308 -5.36 10.35 15.36
CA VAL A 308 -6.64 10.74 14.78
C VAL A 308 -6.68 10.71 13.25
N ASP A 309 -5.57 11.09 12.62
CA ASP A 309 -5.52 11.13 11.16
C ASP A 309 -5.15 9.82 10.47
N ILE A 310 -5.02 8.74 11.22
CA ILE A 310 -4.65 7.47 10.60
C ILE A 310 -5.69 7.00 9.58
N ILE A 311 -6.95 7.42 9.73
CA ILE A 311 -7.98 7.01 8.80
C ILE A 311 -8.39 8.14 7.85
N SER A 312 -7.63 9.23 7.87
CA SER A 312 -7.91 10.37 7.02
C SER A 312 -7.60 10.08 5.55
N PRO A 313 -8.37 10.67 4.63
CA PRO A 313 -8.16 10.48 3.18
C PRO A 313 -6.71 10.77 2.79
N GLY A 314 -6.08 11.75 3.44
CA GLY A 314 -4.71 12.09 3.13
C GLY A 314 -3.77 10.93 3.45
N THR A 315 -3.85 10.47 4.70
CA THR A 315 -3.02 9.33 5.11
C THR A 315 -3.31 8.14 4.21
N PHE A 316 -4.57 7.97 3.82
CA PHE A 316 -4.94 6.83 2.98
C PHE A 316 -4.42 6.85 1.57
N GLU A 317 -3.80 7.96 1.14
CA GLU A 317 -3.25 8.00 -0.20
C GLU A 317 -2.11 6.99 -0.24
N LYS A 318 -1.60 6.63 0.94
CA LYS A 318 -0.53 5.63 1.03
C LYS A 318 -1.04 4.33 1.65
N ILE A 319 -1.87 4.42 2.68
CA ILE A 319 -2.43 3.24 3.31
C ILE A 319 -3.35 2.47 2.35
N GLY A 320 -4.20 3.20 1.62
CA GLY A 320 -5.12 2.57 0.69
C GLY A 320 -4.46 1.61 -0.28
N PRO A 321 -3.41 2.05 -0.99
CA PRO A 321 -2.73 1.16 -1.93
C PRO A 321 -2.06 -0.04 -1.25
N ILE A 322 -1.52 0.17 -0.05
CA ILE A 322 -0.87 -0.93 0.66
C ILE A 322 -1.90 -1.99 1.04
N ILE A 323 -3.08 -1.55 1.48
CA ILE A 323 -4.15 -2.49 1.82
C ILE A 323 -4.59 -3.24 0.56
N ARG A 324 -4.77 -2.53 -0.55
CA ARG A 324 -5.18 -3.19 -1.77
C ARG A 324 -4.15 -4.24 -2.17
N ALA A 325 -2.88 -3.86 -2.11
CA ALA A 325 -1.80 -4.76 -2.46
C ALA A 325 -1.78 -5.98 -1.55
N THR A 326 -2.02 -5.75 -0.26
CA THR A 326 -2.03 -6.84 0.70
C THR A 326 -3.22 -7.79 0.44
N LEU A 327 -4.37 -7.23 0.12
CA LEU A 327 -5.56 -8.03 -0.15
C LEU A 327 -5.50 -8.82 -1.45
N ASN A 328 -4.84 -8.28 -2.47
CA ASN A 328 -4.75 -8.96 -3.75
C ASN A 328 -3.73 -10.10 -3.70
N ARG A 329 -4.24 -11.33 -3.69
CA ARG A 329 -3.43 -12.54 -3.64
C ARG A 329 -4.28 -13.78 -3.41
N GLY B 5 25.76 -0.23 16.34
CA GLY B 5 26.18 -1.55 15.80
C GLY B 5 27.67 -1.81 15.96
N ARG B 6 28.25 -2.64 15.08
CA ARG B 6 29.68 -2.97 15.17
C ARG B 6 30.59 -1.82 14.78
N ALA B 7 31.51 -1.48 15.68
CA ALA B 7 32.44 -0.38 15.44
C ALA B 7 33.33 -0.64 14.22
N PRO B 8 33.51 0.37 13.37
CA PRO B 8 34.34 0.26 12.17
C PRO B 8 35.80 -0.04 12.52
N LYS B 9 36.44 -0.88 11.71
CA LYS B 9 37.84 -1.20 11.95
C LYS B 9 38.65 0.04 11.63
N ALA B 10 39.88 0.08 12.10
CA ALA B 10 40.75 1.21 11.82
C ALA B 10 41.04 1.19 10.33
N GLY B 11 41.38 2.34 9.77
CA GLY B 11 41.70 2.39 8.35
C GLY B 11 40.49 2.61 7.44
N SER B 12 40.36 1.75 6.44
CA SER B 12 39.28 1.84 5.46
C SER B 12 37.86 1.92 5.98
N GLU B 13 37.47 1.02 6.89
CA GLU B 13 36.11 1.08 7.42
C GLU B 13 35.84 2.41 8.09
N THR B 14 36.82 2.93 8.83
CA THR B 14 36.66 4.20 9.52
C THR B 14 36.54 5.37 8.53
N ILE B 15 37.37 5.38 7.49
CA ILE B 15 37.35 6.44 6.49
C ILE B 15 36.04 6.40 5.72
N ILE B 16 35.60 5.19 5.36
CA ILE B 16 34.36 5.02 4.63
C ILE B 16 33.16 5.46 5.49
N ALA B 17 33.15 5.05 6.76
CA ALA B 17 32.06 5.42 7.66
C ALA B 17 31.94 6.93 7.78
N ALA B 18 33.08 7.62 7.81
CA ALA B 18 33.09 9.10 7.92
C ALA B 18 32.55 9.72 6.63
N ALA B 19 32.85 9.12 5.49
CA ALA B 19 32.38 9.62 4.21
C ALA B 19 30.86 9.40 4.13
N PHE B 20 30.40 8.25 4.62
CA PHE B 20 28.97 7.93 4.64
C PHE B 20 28.26 8.99 5.49
N SER B 21 28.87 9.31 6.62
CA SER B 21 28.32 10.28 7.57
C SER B 21 28.08 11.68 7.01
N SER B 22 29.03 12.22 6.27
CA SER B 22 28.88 13.56 5.72
C SER B 22 27.88 13.60 4.56
N LEU B 23 27.99 12.63 3.64
CA LEU B 23 27.10 12.57 2.49
C LEU B 23 25.66 12.19 2.83
N LEU B 24 25.50 11.29 3.79
CA LEU B 24 24.16 10.84 4.19
C LEU B 24 23.53 11.70 5.28
N GLY B 25 24.35 12.49 5.99
CA GLY B 25 23.80 13.33 7.03
C GLY B 25 23.43 12.65 8.34
N CYS B 26 24.25 11.69 8.77
CA CYS B 26 24.01 10.99 10.02
C CYS B 26 25.33 10.43 10.54
N ASP B 27 25.39 10.18 11.83
CA ASP B 27 26.62 9.65 12.43
C ASP B 27 26.71 8.13 12.28
N VAL B 28 27.45 7.70 11.28
CA VAL B 28 27.62 6.28 11.01
C VAL B 28 28.77 5.64 11.78
N GLN B 29 28.43 4.73 12.70
CA GLN B 29 29.43 4.03 13.50
C GLN B 29 29.11 2.55 13.43
N ASP B 30 28.42 2.17 12.36
CA ASP B 30 27.98 0.80 12.13
C ASP B 30 28.64 0.24 10.88
N ALA B 31 29.54 -0.73 11.05
CA ALA B 31 30.26 -1.35 9.94
C ALA B 31 29.33 -2.01 8.93
N ASP B 32 28.09 -2.26 9.31
CA ASP B 32 27.14 -2.87 8.39
C ASP B 32 26.17 -1.86 7.81
N ALA B 33 26.40 -0.58 8.11
CA ALA B 33 25.54 0.49 7.58
C ALA B 33 25.49 0.36 6.06
N ASP B 34 24.29 0.43 5.50
CA ASP B 34 24.09 0.31 4.06
C ASP B 34 23.81 1.67 3.41
N PHE B 35 24.68 2.06 2.49
CA PHE B 35 24.60 3.34 1.79
C PHE B 35 23.23 3.66 1.18
N PHE B 36 22.65 2.68 0.51
CA PHE B 36 21.37 2.86 -0.13
C PHE B 36 20.17 2.75 0.79
N ALA B 37 20.22 1.85 1.78
CA ALA B 37 19.09 1.73 2.71
C ALA B 37 18.98 3.03 3.49
N LEU B 38 20.09 3.73 3.65
CA LEU B 38 20.12 4.99 4.39
C LEU B 38 19.82 6.22 3.54
N GLY B 39 19.43 6.06 2.27
CA GLY B 39 19.10 7.21 1.46
C GLY B 39 20.01 7.54 0.29
N GLY B 40 21.14 6.85 0.20
CA GLY B 40 22.05 7.10 -0.89
C GLY B 40 21.45 6.64 -2.20
N HIS B 41 22.10 7.01 -3.31
CA HIS B 41 21.69 6.63 -4.65
C HIS B 41 22.91 6.67 -5.58
C UF0 B 42 24.62 7.44 -7.94
N UF0 B 42 22.75 6.18 -6.81
O UF0 B 42 25.84 7.44 -8.11
O1 UF0 B 42 13.45 1.49 -23.93
CA UF0 B 42 23.87 6.13 -7.75
CB UF0 B 42 23.42 5.57 -9.12
O1A UF0 B 42 22.57 5.29 -12.04
C1B UF0 B 42 22.95 6.20 -13.06
C1C UF0 B 42 22.51 5.64 -14.41
C1D UF0 B 42 20.99 5.55 -14.44
C1E UF0 B 42 20.55 5.05 -15.79
N1F UF0 B 42 19.69 5.82 -16.45
O1G UF0 B 42 20.97 4.00 -16.23
C1H UF0 B 42 19.11 5.57 -17.76
C1I UF0 B 42 18.12 4.44 -17.53
C1J UF0 B 42 17.31 4.22 -18.80
N1K UF0 B 42 16.21 4.96 -18.92
O1L UF0 B 42 17.67 3.41 -19.63
C1M UF0 B 42 15.27 4.94 -20.03
C1N UF0 B 42 14.40 3.71 -19.81
N1O UF0 B 42 13.72 3.48 -21.06
C1P UF0 B 42 22.97 6.58 -15.53
C1Q UF0 B 42 23.11 4.26 -14.63
P1R UF0 B 42 21.51 5.73 -10.91
O1S UF0 B 42 20.64 6.83 -11.47
O1T UF0 B 42 20.88 4.48 -10.34
C1U UF0 B 42 13.54 2.31 -21.68
C1V UF0 B 42 12.80 2.34 -22.99
O1W UF0 B 42 13.94 1.25 -21.22
O1X UF0 B 42 20.42 6.84 -14.20
O1Y UF0 B 42 22.46 6.38 -9.77
N LEU B 43 23.92 8.57 -7.91
CA LEU B 43 24.58 9.85 -8.07
C LEU B 43 25.41 10.18 -6.83
N LEU B 44 24.85 9.92 -5.65
CA LEU B 44 25.57 10.17 -4.42
C LEU B 44 26.75 9.19 -4.33
N ALA B 45 26.61 8.04 -4.99
CA ALA B 45 27.66 7.03 -4.99
C ALA B 45 28.83 7.55 -5.81
N MET B 46 28.52 8.36 -6.84
CA MET B 46 29.56 8.91 -7.69
C MET B 46 30.36 9.93 -6.88
N LYS B 47 29.67 10.64 -5.99
CA LYS B 47 30.33 11.64 -5.15
C LYS B 47 31.14 10.92 -4.06
N LEU B 48 30.58 9.83 -3.54
CA LEU B 48 31.27 9.05 -2.51
C LEU B 48 32.60 8.51 -3.04
N ALA B 49 32.56 7.89 -4.24
CA ALA B 49 33.77 7.32 -4.86
C ALA B 49 34.77 8.43 -5.17
N ALA B 50 34.27 9.60 -5.52
CA ALA B 50 35.12 10.75 -5.84
C ALA B 50 35.87 11.20 -4.60
N GLN B 51 35.17 11.19 -3.46
CA GLN B 51 35.77 11.60 -2.20
C GLN B 51 36.74 10.54 -1.68
N LEU B 52 36.36 9.27 -1.77
CA LEU B 52 37.21 8.17 -1.31
C LEU B 52 38.49 8.05 -2.15
N SER B 53 38.37 8.30 -3.45
CA SER B 53 39.52 8.21 -4.34
C SER B 53 40.65 9.12 -3.85
N ARG B 54 40.27 10.24 -3.24
CA ARG B 54 41.25 11.20 -2.74
C ARG B 54 41.76 10.85 -1.33
N GLN B 55 40.93 10.17 -0.55
CA GLN B 55 41.31 9.83 0.82
C GLN B 55 42.03 8.49 1.00
N VAL B 56 41.84 7.57 0.06
CA VAL B 56 42.50 6.27 0.15
C VAL B 56 43.67 6.15 -0.83
N ALA B 57 44.03 7.25 -1.48
CA ALA B 57 45.14 7.28 -2.44
C ALA B 57 45.02 6.21 -3.51
N ARG B 58 43.80 5.79 -3.81
CA ARG B 58 43.52 4.79 -4.83
C ARG B 58 42.17 5.12 -5.45
N GLN B 59 42.00 4.81 -6.73
CA GLN B 59 40.74 5.12 -7.38
C GLN B 59 39.61 4.19 -6.97
N VAL B 60 38.51 4.79 -6.54
CA VAL B 60 37.31 4.08 -6.12
C VAL B 60 36.23 4.53 -7.11
N THR B 61 35.43 3.59 -7.60
CA THR B 61 34.40 3.95 -8.57
C THR B 61 32.98 3.75 -8.06
N PRO B 62 32.01 4.39 -8.73
CA PRO B 62 30.60 4.28 -8.35
C PRO B 62 30.16 2.82 -8.45
N GLY B 63 30.68 2.15 -9.48
CA GLY B 63 30.35 0.74 -9.69
C GLY B 63 30.68 -0.10 -8.49
N GLN B 64 31.82 0.17 -7.86
CA GLN B 64 32.23 -0.58 -6.68
C GLN B 64 31.27 -0.31 -5.53
N VAL B 65 30.82 0.94 -5.40
CA VAL B 65 29.87 1.28 -4.34
C VAL B 65 28.55 0.55 -4.57
N MET B 66 28.10 0.50 -5.83
CA MET B 66 26.84 -0.16 -6.15
C MET B 66 26.78 -1.62 -5.70
N VAL B 67 27.89 -2.35 -5.83
CA VAL B 67 27.91 -3.74 -5.44
C VAL B 67 28.52 -4.00 -4.05
N ALA B 68 28.87 -2.92 -3.35
CA ALA B 68 29.44 -3.02 -2.00
C ALA B 68 28.84 -1.87 -1.18
N SER B 69 27.52 -1.91 -1.04
CA SER B 69 26.78 -0.88 -0.33
C SER B 69 27.06 -0.67 1.16
N THR B 70 27.67 -1.65 1.84
CA THR B 70 27.94 -1.46 3.26
C THR B 70 29.38 -1.03 3.52
N VAL B 71 29.59 -0.32 4.63
CA VAL B 71 30.92 0.14 5.00
C VAL B 71 31.92 -1.04 4.93
N ALA B 72 31.56 -2.14 5.57
CA ALA B 72 32.42 -3.32 5.58
C ALA B 72 32.71 -3.87 4.18
N LYS B 73 31.67 -4.00 3.35
CA LYS B 73 31.84 -4.52 2.00
C LYS B 73 32.71 -3.62 1.12
N LEU B 74 32.50 -2.31 1.21
CA LEU B 74 33.28 -1.37 0.41
C LEU B 74 34.73 -1.37 0.88
N ALA B 75 34.94 -1.46 2.19
CA ALA B 75 36.29 -1.49 2.74
C ALA B 75 37.03 -2.71 2.17
N THR B 76 36.35 -3.85 2.09
CA THR B 76 36.98 -5.05 1.55
C THR B 76 37.45 -4.79 0.12
N ILE B 77 36.58 -4.18 -0.68
CA ILE B 77 36.89 -3.84 -2.06
C ILE B 77 38.11 -2.91 -2.16
N ILE B 78 38.08 -1.83 -1.40
CA ILE B 78 39.15 -0.85 -1.40
C ILE B 78 40.52 -1.38 -0.93
N ASP B 79 40.51 -2.36 -0.03
CA ASP B 79 41.76 -2.92 0.47
C ASP B 79 42.28 -4.11 -0.33
N ALA B 80 41.47 -4.61 -1.26
CA ALA B 80 41.86 -5.76 -2.07
C ALA B 80 43.09 -5.45 -2.92
N ASP B 83 41.78 -7.25 -6.41
CA ASP B 83 42.73 -6.16 -6.24
C ASP B 83 42.70 -5.26 -7.48
N SER B 84 42.72 -5.89 -8.65
CA SER B 84 42.69 -5.17 -9.91
C SER B 84 41.26 -5.28 -10.46
N THR B 85 40.34 -4.56 -9.83
CA THR B 85 38.94 -4.61 -10.26
C THR B 85 38.31 -3.24 -10.55
N ARG B 86 38.13 -2.95 -11.83
CA ARG B 86 37.51 -1.70 -12.26
C ARG B 86 36.31 -2.13 -13.08
N ARG B 87 35.94 -3.40 -12.93
CA ARG B 87 34.81 -4.01 -13.63
C ARG B 87 33.59 -4.07 -12.71
N MET B 88 33.82 -3.81 -11.43
CA MET B 88 32.75 -3.85 -10.43
C MET B 88 31.53 -3.02 -10.79
N GLY B 89 30.37 -3.64 -10.76
CA GLY B 89 29.13 -2.95 -11.08
C GLY B 89 28.84 -2.86 -12.56
N PHE B 90 29.69 -3.50 -13.36
CA PHE B 90 29.54 -3.50 -14.82
C PHE B 90 29.36 -4.91 -15.35
N GLU B 91 29.11 -5.86 -14.44
CA GLU B 91 28.94 -7.25 -14.82
C GLU B 91 27.47 -7.66 -14.90
N THR B 92 27.21 -8.82 -15.50
CA THR B 92 25.85 -9.31 -15.66
C THR B 92 25.07 -9.26 -14.34
N ILE B 93 25.71 -9.70 -13.27
CA ILE B 93 25.06 -9.71 -11.96
C ILE B 93 25.42 -8.46 -11.16
N LEU B 94 24.40 -7.81 -10.62
CA LEU B 94 24.58 -6.61 -9.80
C LEU B 94 23.99 -6.84 -8.42
N PRO B 95 24.80 -7.33 -7.46
CA PRO B 95 24.25 -7.55 -6.12
C PRO B 95 24.14 -6.22 -5.38
N LEU B 96 22.93 -5.71 -5.30
CA LEU B 96 22.67 -4.44 -4.62
C LEU B 96 22.50 -4.61 -3.12
N ARG B 97 21.93 -5.73 -2.70
CA ARG B 97 21.71 -6.00 -1.27
C ARG B 97 21.57 -7.49 -1.03
N GLU B 98 22.22 -7.99 0.01
CA GLU B 98 22.18 -9.40 0.34
C GLU B 98 21.31 -9.68 1.56
N GLY B 99 20.47 -10.71 1.47
CA GLY B 99 19.59 -11.10 2.56
C GLY B 99 19.61 -12.60 2.74
N ASN B 100 19.05 -13.11 3.84
CA ASN B 100 19.05 -14.55 4.09
C ASN B 100 17.77 -15.25 3.62
N GLY B 101 16.91 -14.51 2.93
CA GLY B 101 15.67 -15.07 2.44
C GLY B 101 15.58 -15.12 0.93
N PRO B 102 14.39 -14.83 0.37
CA PRO B 102 14.20 -14.85 -1.07
C PRO B 102 14.94 -13.74 -1.79
N THR B 103 14.94 -13.80 -3.12
CA THR B 103 15.62 -12.82 -3.95
C THR B 103 14.69 -12.15 -4.96
N LEU B 104 14.78 -10.84 -5.06
CA LEU B 104 14.01 -10.09 -6.04
C LEU B 104 14.98 -9.75 -7.15
N PHE B 105 14.78 -10.33 -8.34
CA PHE B 105 15.65 -10.04 -9.47
C PHE B 105 15.10 -8.85 -10.23
N CYS B 106 15.95 -7.85 -10.46
CA CYS B 106 15.56 -6.62 -11.12
C CYS B 106 16.23 -6.46 -12.48
N PHE B 107 15.41 -6.39 -13.53
CA PHE B 107 15.91 -6.27 -14.90
C PHE B 107 16.11 -4.85 -15.40
N HIS B 108 17.30 -4.63 -15.94
CA HIS B 108 17.75 -3.35 -16.47
C HIS B 108 16.87 -2.72 -17.55
N PRO B 109 16.91 -1.39 -17.64
CA PRO B 109 16.13 -0.66 -18.64
C PRO B 109 16.99 -0.66 -19.91
N ALA B 110 16.80 0.31 -20.80
CA ALA B 110 17.56 0.38 -22.05
C ALA B 110 19.07 0.56 -21.88
N SER B 111 19.46 1.34 -20.88
CA SER B 111 20.87 1.61 -20.59
C SER B 111 21.68 0.33 -20.35
N GLY B 112 21.00 -0.72 -19.90
CA GLY B 112 21.67 -1.98 -19.65
C GLY B 112 22.15 -2.13 -18.22
N PHE B 113 22.02 -1.07 -17.41
CA PHE B 113 22.45 -1.08 -16.01
C PHE B 113 21.25 -1.17 -15.07
N ALA B 114 21.43 -1.86 -13.95
CA ALA B 114 20.36 -2.03 -12.97
C ALA B 114 20.60 -1.22 -11.69
N TRP B 115 21.48 -0.22 -11.79
CA TRP B 115 21.83 0.63 -10.65
C TRP B 115 20.65 1.33 -9.99
N GLN B 116 19.71 1.78 -10.81
CA GLN B 116 18.55 2.51 -10.29
C GLN B 116 17.69 1.72 -9.30
N PHE B 117 17.83 0.40 -9.30
CA PHE B 117 17.07 -0.43 -8.39
C PHE B 117 17.58 -0.34 -6.95
N SER B 118 18.63 0.44 -6.72
CA SER B 118 19.16 0.61 -5.37
C SER B 118 18.07 1.29 -4.52
N VAL B 119 17.12 1.94 -5.17
CA VAL B 119 16.04 2.62 -4.46
C VAL B 119 15.22 1.64 -3.58
N LEU B 120 15.24 0.36 -3.94
CA LEU B 120 14.50 -0.66 -3.20
C LEU B 120 15.09 -1.03 -1.84
N SER B 121 16.39 -0.83 -1.68
CA SER B 121 17.07 -1.20 -0.43
C SER B 121 16.47 -0.62 0.84
N ARG B 122 15.94 0.59 0.76
CA ARG B 122 15.35 1.23 1.94
C ARG B 122 13.94 0.71 2.24
N TYR B 123 13.36 -0.05 1.30
CA TYR B 123 12.00 -0.55 1.46
C TYR B 123 11.77 -2.03 1.76
N LEU B 124 12.47 -2.91 1.07
CA LEU B 124 12.24 -4.34 1.30
C LEU B 124 12.69 -4.84 2.66
N ASP B 125 11.90 -5.73 3.26
CA ASP B 125 12.24 -6.31 4.55
C ASP B 125 13.67 -6.86 4.43
N PRO B 126 14.41 -6.88 5.54
CA PRO B 126 15.80 -7.36 5.59
C PRO B 126 16.16 -8.72 5.01
N GLN B 127 15.27 -9.69 5.07
CA GLN B 127 15.60 -11.02 4.55
C GLN B 127 15.78 -11.04 3.04
N TRP B 128 15.25 -10.03 2.35
CA TRP B 128 15.32 -9.98 0.91
C TRP B 128 16.65 -9.55 0.30
N SER B 129 17.05 -10.27 -0.75
CA SER B 129 18.25 -9.91 -1.46
C SER B 129 17.71 -9.15 -2.66
N ILE B 130 18.46 -8.16 -3.12
CA ILE B 130 18.05 -7.38 -4.28
C ILE B 130 19.15 -7.58 -5.30
N ILE B 131 18.85 -8.33 -6.36
CA ILE B 131 19.86 -8.61 -7.37
C ILE B 131 19.46 -8.13 -8.77
N GLY B 132 20.24 -7.22 -9.31
CA GLY B 132 19.96 -6.70 -10.63
C GLY B 132 20.63 -7.52 -11.72
N ILE B 133 19.97 -7.60 -12.88
CA ILE B 133 20.51 -8.31 -14.03
C ILE B 133 20.81 -7.22 -15.05
N GLN B 134 22.05 -7.20 -15.55
CA GLN B 134 22.45 -6.18 -16.51
C GLN B 134 22.91 -6.76 -17.85
N SER B 135 23.20 -5.87 -18.78
CA SER B 135 23.67 -6.24 -20.11
C SER B 135 24.97 -5.49 -20.37
N PRO B 136 26.10 -6.05 -19.92
CA PRO B 136 27.39 -5.39 -20.14
C PRO B 136 27.79 -5.40 -21.61
N ARG B 137 28.81 -4.60 -21.94
CA ARG B 137 29.30 -4.53 -23.31
C ARG B 137 30.80 -4.81 -23.31
N PRO B 138 31.33 -5.38 -24.40
CA PRO B 138 30.59 -5.78 -25.60
C PRO B 138 30.15 -7.24 -25.58
N ASN B 139 30.04 -7.83 -24.39
CA ASN B 139 29.65 -9.22 -24.28
C ASN B 139 28.26 -9.50 -23.72
N GLY B 140 27.47 -8.45 -23.50
CA GLY B 140 26.13 -8.64 -22.96
C GLY B 140 25.09 -9.05 -23.99
N PRO B 141 23.95 -9.60 -23.56
CA PRO B 141 22.85 -10.04 -24.42
C PRO B 141 22.34 -9.00 -25.41
N MET B 142 22.18 -7.77 -24.95
CA MET B 142 21.70 -6.71 -25.84
C MET B 142 22.66 -6.53 -27.01
N GLN B 143 23.92 -6.91 -26.77
CA GLN B 143 24.97 -6.78 -27.77
C GLN B 143 25.03 -7.95 -28.76
N THR B 144 24.96 -9.17 -28.24
CA THR B 144 25.06 -10.36 -29.08
C THR B 144 23.75 -10.96 -29.60
N ALA B 145 22.69 -10.87 -28.81
CA ALA B 145 21.40 -11.43 -29.20
C ALA B 145 20.89 -11.02 -30.58
N ALA B 146 20.29 -11.97 -31.28
CA ALA B 146 19.74 -11.71 -32.61
C ALA B 146 18.48 -10.87 -32.47
N ASN B 147 17.63 -11.27 -31.53
CA ASN B 147 16.39 -10.55 -31.27
C ASN B 147 16.09 -10.54 -29.77
N LEU B 148 15.12 -9.73 -29.37
CA LEU B 148 14.74 -9.60 -27.97
C LEU B 148 14.46 -10.97 -27.35
N ASP B 149 13.92 -11.90 -28.15
CA ASP B 149 13.62 -13.23 -27.64
C ASP B 149 14.91 -13.90 -27.18
N GLU B 150 16.00 -13.60 -27.89
CA GLU B 150 17.31 -14.17 -27.57
C GLU B 150 17.79 -13.61 -26.24
N VAL B 151 17.52 -12.32 -26.01
CA VAL B 151 17.92 -11.67 -24.78
C VAL B 151 17.20 -12.32 -23.60
N CYS B 152 15.91 -12.58 -23.78
CA CYS B 152 15.13 -13.21 -22.72
C CYS B 152 15.73 -14.57 -22.39
N GLU B 153 16.07 -15.33 -23.43
CA GLU B 153 16.66 -16.64 -23.23
C GLU B 153 17.99 -16.51 -22.48
N ALA B 154 18.77 -15.49 -22.83
CA ALA B 154 20.05 -15.25 -22.18
C ALA B 154 19.84 -14.94 -20.71
N HIS B 155 18.89 -14.06 -20.42
CA HIS B 155 18.62 -13.69 -19.03
C HIS B 155 17.99 -14.82 -18.24
N LEU B 156 17.24 -15.69 -18.91
CA LEU B 156 16.60 -16.81 -18.21
C LEU B 156 17.67 -17.78 -17.70
N ALA B 157 18.66 -18.04 -18.53
CA ALA B 157 19.77 -18.93 -18.17
C ALA B 157 20.47 -18.33 -16.95
N THR B 158 20.86 -17.07 -17.06
CA THR B 158 21.53 -16.37 -15.97
C THR B 158 20.69 -16.49 -14.70
N LEU B 159 19.40 -16.23 -14.82
CA LEU B 159 18.49 -16.31 -13.70
C LEU B 159 18.55 -17.71 -13.09
N LEU B 160 18.50 -18.72 -13.97
CA LEU B 160 18.55 -20.11 -13.53
C LEU B 160 19.89 -20.45 -12.90
N GLU B 161 20.94 -19.71 -13.29
CA GLU B 161 22.27 -19.92 -12.73
C GLU B 161 22.21 -19.51 -11.27
N GLN B 162 21.53 -18.40 -11.00
CA GLN B 162 21.39 -17.88 -9.64
C GLN B 162 20.36 -18.64 -8.82
N GLN B 163 19.19 -18.84 -9.40
CA GLN B 163 18.10 -19.55 -8.74
C GLN B 163 17.44 -20.55 -9.68
N PRO B 164 17.78 -21.84 -9.54
CA PRO B 164 17.22 -22.89 -10.39
C PRO B 164 15.79 -23.30 -10.00
N HIS B 165 15.45 -23.08 -8.73
CA HIS B 165 14.12 -23.45 -8.22
C HIS B 165 13.29 -22.21 -7.87
N GLY B 166 11.97 -22.31 -8.07
CA GLY B 166 11.09 -21.20 -7.75
C GLY B 166 10.54 -21.31 -6.34
N PRO B 167 9.59 -20.45 -5.94
CA PRO B 167 8.98 -19.36 -6.72
C PRO B 167 9.94 -18.24 -7.07
N TYR B 168 9.63 -17.50 -8.12
CA TYR B 168 10.45 -16.39 -8.56
C TYR B 168 9.77 -15.05 -8.38
N TYR B 169 10.56 -14.04 -8.03
CA TYR B 169 10.07 -12.68 -7.85
C TYR B 169 10.87 -11.82 -8.81
N LEU B 170 10.18 -11.27 -9.82
CA LEU B 170 10.84 -10.46 -10.84
C LEU B 170 10.30 -9.04 -10.92
N LEU B 171 11.17 -8.09 -11.24
CA LEU B 171 10.79 -6.68 -11.37
C LEU B 171 11.59 -6.09 -12.53
N GLY B 172 10.91 -5.37 -13.42
CA GLY B 172 11.58 -4.77 -14.56
C GLY B 172 11.17 -3.33 -14.82
N TYR B 173 12.13 -2.52 -15.29
CA TYR B 173 11.89 -1.11 -15.59
C TYR B 173 11.92 -0.91 -17.10
N SER B 174 10.80 -0.43 -17.65
CA SER B 174 10.64 -0.19 -19.08
C SER B 174 11.13 -1.42 -19.85
N LEU B 175 12.11 -1.26 -20.74
CA LEU B 175 12.64 -2.40 -21.48
C LEU B 175 12.82 -3.61 -20.57
N GLY B 176 13.25 -3.35 -19.34
CA GLY B 176 13.45 -4.42 -18.38
C GLY B 176 12.15 -5.10 -18.03
N GLY B 177 11.04 -4.36 -18.12
CA GLY B 177 9.74 -4.93 -17.84
C GLY B 177 9.35 -5.89 -18.94
N THR B 178 9.67 -5.53 -20.18
CA THR B 178 9.36 -6.38 -21.33
C THR B 178 10.11 -7.70 -21.14
N LEU B 179 11.38 -7.58 -20.74
CA LEU B 179 12.22 -8.75 -20.52
C LEU B 179 11.71 -9.61 -19.38
N ALA B 180 11.38 -8.97 -18.26
CA ALA B 180 10.87 -9.70 -17.11
C ALA B 180 9.56 -10.42 -17.45
N GLN B 181 8.72 -9.78 -18.26
CA GLN B 181 7.46 -10.38 -18.67
C GLN B 181 7.71 -11.59 -19.56
N GLY B 182 8.69 -11.49 -20.44
CA GLY B 182 9.02 -12.60 -21.34
C GLY B 182 9.62 -13.78 -20.59
N ILE B 183 10.45 -13.48 -19.60
CA ILE B 183 11.09 -14.50 -18.79
C ILE B 183 10.02 -15.16 -17.92
N ALA B 184 9.10 -14.37 -17.40
CA ALA B 184 8.03 -14.88 -16.56
C ALA B 184 7.19 -15.90 -17.34
N ALA B 185 6.85 -15.56 -18.58
CA ALA B 185 6.07 -16.45 -19.43
C ALA B 185 6.82 -17.77 -19.65
N ARG B 186 8.12 -17.68 -19.92
CA ARG B 186 8.94 -18.86 -20.13
C ARG B 186 9.01 -19.74 -18.88
N LEU B 187 9.16 -19.12 -17.71
CA LEU B 187 9.22 -19.88 -16.48
C LEU B 187 7.91 -20.64 -16.28
N ARG B 188 6.79 -19.98 -16.56
CA ARG B 188 5.49 -20.61 -16.43
C ARG B 188 5.38 -21.79 -17.38
N ALA B 189 6.04 -21.68 -18.52
CA ALA B 189 6.05 -22.75 -19.51
C ALA B 189 6.77 -23.95 -18.93
N ARG B 190 7.73 -23.67 -18.05
CA ARG B 190 8.51 -24.71 -17.39
C ARG B 190 7.83 -25.17 -16.12
N GLY B 191 6.61 -24.71 -15.90
CA GLY B 191 5.87 -25.10 -14.72
C GLY B 191 6.31 -24.39 -13.46
N GLU B 192 7.27 -23.48 -13.59
CA GLU B 192 7.76 -22.73 -12.43
C GLU B 192 6.69 -21.75 -11.96
N GLN B 193 6.76 -21.41 -10.68
CA GLN B 193 5.81 -20.48 -10.07
C GLN B 193 6.40 -19.07 -10.08
N VAL B 194 5.63 -18.11 -10.59
CA VAL B 194 6.07 -16.72 -10.62
C VAL B 194 5.28 -16.00 -9.54
N ALA B 195 5.85 -15.91 -8.34
CA ALA B 195 5.20 -15.29 -7.19
C ALA B 195 5.04 -13.77 -7.35
N PHE B 196 5.89 -13.14 -8.15
CA PHE B 196 5.77 -11.71 -8.36
C PHE B 196 6.37 -11.25 -9.67
N LEU B 197 5.58 -10.49 -10.43
CA LEU B 197 6.05 -9.90 -11.67
C LEU B 197 5.65 -8.44 -11.60
N GLY B 198 6.64 -7.58 -11.34
CA GLY B 198 6.37 -6.15 -11.26
C GLY B 198 6.87 -5.45 -12.50
N LEU B 199 6.08 -4.50 -13.00
CA LEU B 199 6.43 -3.74 -14.18
C LEU B 199 6.39 -2.24 -13.91
N LEU B 200 7.49 -1.57 -14.17
CA LEU B 200 7.57 -0.12 -13.97
C LEU B 200 7.38 0.56 -15.32
N ASP B 201 6.19 1.13 -15.51
CA ASP B 201 5.80 1.82 -16.74
C ASP B 201 6.26 1.10 -18.00
N THR B 202 5.84 -0.16 -18.12
CA THR B 202 6.17 -1.02 -19.24
C THR B 202 4.93 -1.22 -20.10
N TRP B 203 5.10 -1.18 -21.42
CA TRP B 203 3.98 -1.39 -22.34
C TRP B 203 4.32 -2.47 -23.35
N PRO B 204 3.30 -3.15 -23.90
CA PRO B 204 3.58 -4.20 -24.88
C PRO B 204 4.22 -3.56 -26.11
N PRO B 205 5.24 -4.20 -26.69
CA PRO B 205 5.90 -3.65 -27.88
C PRO B 205 4.90 -3.29 -28.99
N GLU B 206 3.85 -4.10 -29.11
CA GLU B 206 2.82 -3.91 -30.13
C GLU B 206 2.15 -2.54 -30.15
N THR B 207 2.30 -1.78 -29.08
CA THR B 207 1.71 -0.44 -29.02
C THR B 207 2.75 0.54 -29.58
N GLN B 208 3.39 0.13 -30.69
CA GLN B 208 4.44 0.90 -31.37
C GLN B 208 5.80 0.58 -30.79
N THR B 243 33.31 9.21 -18.81
CA THR B 243 33.61 7.86 -18.34
C THR B 243 33.07 6.82 -19.33
N GLU B 244 33.50 5.57 -19.14
CA GLU B 244 33.07 4.48 -20.00
C GLU B 244 31.63 4.09 -19.68
N LEU B 245 31.12 4.63 -18.58
CA LEU B 245 29.75 4.35 -18.17
C LEU B 245 28.76 4.85 -19.21
N PHE B 246 28.81 6.15 -19.49
CA PHE B 246 27.90 6.76 -20.45
C PHE B 246 28.10 6.26 -21.88
N THR B 247 29.30 5.77 -22.18
CA THR B 247 29.57 5.24 -23.51
C THR B 247 28.88 3.89 -23.61
N THR B 248 28.88 3.16 -22.51
CA THR B 248 28.25 1.85 -22.45
C THR B 248 26.73 2.01 -22.58
N ILE B 249 26.21 3.07 -21.95
CA ILE B 249 24.78 3.36 -21.99
C ILE B 249 24.37 3.77 -23.40
N GLU B 250 25.13 4.68 -24.00
CA GLU B 250 24.84 5.15 -25.34
C GLU B 250 24.77 3.95 -26.29
N GLY B 251 25.66 2.98 -26.08
CA GLY B 251 25.68 1.80 -26.93
C GLY B 251 24.48 0.89 -26.73
N ASN B 252 24.16 0.57 -25.48
CA ASN B 252 23.04 -0.31 -25.20
C ASN B 252 21.71 0.24 -25.69
N TYR B 253 21.55 1.56 -25.65
CA TYR B 253 20.31 2.16 -26.13
C TYR B 253 20.12 1.72 -27.58
N ALA B 254 21.16 1.89 -28.39
CA ALA B 254 21.12 1.51 -29.78
C ALA B 254 20.51 0.13 -29.94
N ASP B 255 21.09 -0.84 -29.25
CA ASP B 255 20.59 -2.21 -29.31
C ASP B 255 19.16 -2.32 -28.79
N ALA B 256 18.79 -1.44 -27.87
CA ALA B 256 17.44 -1.45 -27.29
C ALA B 256 16.42 -1.12 -28.39
N VAL B 257 16.70 -0.07 -29.16
CA VAL B 257 15.82 0.33 -30.24
C VAL B 257 15.77 -0.71 -31.36
N ARG B 258 16.93 -1.25 -31.73
CA ARG B 258 16.99 -2.26 -32.78
C ARG B 258 16.30 -3.55 -32.35
N LEU B 259 16.32 -3.83 -31.05
CA LEU B 259 15.70 -5.04 -30.52
C LEU B 259 14.19 -4.89 -30.33
N LEU B 260 13.75 -3.68 -30.03
CA LEU B 260 12.33 -3.41 -29.83
C LEU B 260 11.53 -3.31 -31.12
N THR B 261 12.13 -2.75 -32.16
CA THR B 261 11.46 -2.61 -33.44
C THR B 261 10.96 -3.96 -33.95
N THR B 262 11.53 -5.03 -33.42
CA THR B 262 11.14 -6.38 -33.83
C THR B 262 10.60 -7.23 -32.68
N ALA B 263 10.47 -6.61 -31.51
CA ALA B 263 9.97 -7.32 -30.34
C ALA B 263 8.48 -7.63 -30.42
N HIS B 264 8.09 -8.74 -29.83
CA HIS B 264 6.70 -9.16 -29.79
C HIS B 264 6.42 -9.67 -28.39
N SER B 265 5.20 -9.50 -27.93
CA SER B 265 4.82 -9.94 -26.60
C SER B 265 4.51 -11.43 -26.59
N VAL B 266 4.45 -11.99 -25.40
CA VAL B 266 4.15 -13.40 -25.19
C VAL B 266 3.19 -13.50 -24.02
N PRO B 267 2.15 -14.32 -24.12
CA PRO B 267 1.21 -14.44 -23.01
C PRO B 267 1.78 -15.01 -21.71
N PHE B 268 1.40 -14.39 -20.60
CA PHE B 268 1.84 -14.81 -19.27
C PHE B 268 0.57 -15.14 -18.49
N ASP B 269 0.38 -16.41 -18.15
CA ASP B 269 -0.81 -16.82 -17.42
C ASP B 269 -0.69 -16.62 -15.91
N GLY B 270 -0.12 -15.50 -15.52
CA GLY B 270 0.03 -15.24 -14.09
C GLY B 270 -0.48 -13.87 -13.70
N LYS B 271 -0.14 -13.46 -12.48
CA LYS B 271 -0.56 -12.15 -11.96
C LYS B 271 0.62 -11.20 -12.06
N ALA B 272 0.34 -9.95 -12.44
CA ALA B 272 1.38 -8.94 -12.55
C ALA B 272 0.91 -7.64 -11.94
N THR B 273 1.86 -6.81 -11.53
CA THR B 273 1.58 -5.52 -10.96
C THR B 273 2.26 -4.48 -11.83
N LEU B 274 1.48 -3.56 -12.37
CA LEU B 274 2.01 -2.51 -13.22
C LEU B 274 1.92 -1.14 -12.56
N PHE B 275 3.02 -0.41 -12.58
CA PHE B 275 3.05 0.94 -12.04
C PHE B 275 3.10 1.87 -13.26
N VAL B 276 2.05 2.64 -13.45
CA VAL B 276 1.93 3.55 -14.59
C VAL B 276 2.27 5.01 -14.32
N ALA B 277 3.01 5.61 -15.25
CA ALA B 277 3.39 7.02 -15.15
C ALA B 277 2.30 7.81 -15.90
N GLU B 278 1.32 8.32 -15.16
CA GLU B 278 0.20 9.05 -15.75
C GLU B 278 0.54 10.28 -16.59
N ARG B 279 1.50 11.08 -16.14
CA ARG B 279 1.87 12.29 -16.87
C ARG B 279 2.31 12.09 -18.30
N THR B 280 3.05 11.02 -18.56
CA THR B 280 3.51 10.73 -19.92
C THR B 280 2.53 9.73 -20.54
N LEU B 281 1.40 9.55 -19.89
CA LEU B 281 0.36 8.64 -20.37
C LEU B 281 -0.68 9.41 -21.16
N MET B 285 -4.11 5.48 -25.06
CA MET B 285 -4.92 4.32 -24.73
C MET B 285 -4.80 4.02 -23.24
N SER B 286 -5.46 2.97 -22.78
CA SER B 286 -5.42 2.59 -21.39
C SER B 286 -4.50 1.40 -21.14
N PRO B 287 -3.87 1.36 -19.95
CA PRO B 287 -2.97 0.26 -19.58
C PRO B 287 -3.73 -1.06 -19.52
N GLU B 288 -4.94 -1.02 -19.00
CA GLU B 288 -5.76 -2.22 -18.88
C GLU B 288 -5.99 -2.87 -20.25
N ARG B 289 -6.44 -2.08 -21.21
CA ARG B 289 -6.69 -2.55 -22.57
C ARG B 289 -5.43 -3.08 -23.25
N ALA B 290 -4.35 -2.29 -23.20
CA ALA B 290 -3.10 -2.65 -23.85
C ALA B 290 -2.49 -3.98 -23.42
N TRP B 291 -2.57 -4.30 -22.14
CA TRP B 291 -1.97 -5.53 -21.63
C TRP B 291 -2.89 -6.74 -21.60
N SER B 292 -4.18 -6.49 -21.81
CA SER B 292 -5.19 -7.55 -21.78
C SER B 292 -4.79 -8.89 -22.40
N PRO B 293 -4.36 -8.90 -23.66
CA PRO B 293 -3.97 -10.13 -24.36
C PRO B 293 -2.75 -10.89 -23.81
N TRP B 294 -1.88 -10.19 -23.10
CA TRP B 294 -0.66 -10.83 -22.63
C TRP B 294 -0.43 -11.06 -21.14
N ILE B 295 -1.37 -10.66 -20.31
CA ILE B 295 -1.25 -10.88 -18.88
C ILE B 295 -2.64 -11.24 -18.35
N ALA B 296 -2.74 -12.43 -17.77
CA ALA B 296 -4.00 -12.93 -17.22
C ALA B 296 -4.66 -11.97 -16.24
N GLU B 297 -3.96 -11.65 -15.16
CA GLU B 297 -4.49 -10.75 -14.15
C GLU B 297 -3.47 -9.65 -13.92
N LEU B 298 -3.90 -8.40 -14.04
CA LEU B 298 -2.99 -7.28 -13.87
C LEU B 298 -3.54 -6.26 -12.88
N ASP B 299 -2.76 -5.95 -11.85
CA ASP B 299 -3.17 -4.93 -10.90
C ASP B 299 -2.37 -3.70 -11.28
N ILE B 300 -3.08 -2.61 -11.53
CA ILE B 300 -2.47 -1.37 -11.96
C ILE B 300 -2.51 -0.27 -10.91
N TYR B 301 -1.35 0.34 -10.68
CA TYR B 301 -1.24 1.44 -9.72
C TYR B 301 -0.75 2.68 -10.48
N ARG B 302 -1.60 3.68 -10.63
CA ARG B 302 -1.21 4.89 -11.35
C ARG B 302 -0.42 5.84 -10.46
N GLN B 303 0.69 6.34 -10.99
CA GLN B 303 1.54 7.25 -10.27
C GLN B 303 1.53 8.59 -11.01
N ASP B 304 1.46 9.69 -10.27
CA ASP B 304 1.43 11.00 -10.91
C ASP B 304 2.85 11.49 -11.22
N CYS B 305 3.45 10.90 -12.25
CA CYS B 305 4.81 11.26 -12.65
C CYS B 305 5.07 10.94 -14.12
N ALA B 306 6.24 11.34 -14.61
CA ALA B 306 6.62 11.10 -15.99
C ALA B 306 7.35 9.77 -16.06
N HIS B 307 7.42 9.20 -17.26
CA HIS B 307 8.09 7.91 -17.49
C HIS B 307 9.46 7.78 -16.82
N VAL B 308 10.35 8.74 -17.06
CA VAL B 308 11.69 8.68 -16.49
C VAL B 308 11.75 8.85 -14.97
N ASP B 309 10.64 9.23 -14.35
CA ASP B 309 10.61 9.42 -12.90
C ASP B 309 9.95 8.28 -12.14
N ILE B 310 9.48 7.26 -12.86
CA ILE B 310 8.80 6.12 -12.24
C ILE B 310 9.67 5.35 -11.24
N ILE B 311 10.98 5.38 -11.42
CA ILE B 311 11.87 4.66 -10.52
C ILE B 311 12.65 5.57 -9.57
N SER B 312 12.31 6.86 -9.57
CA SER B 312 12.99 7.83 -8.70
C SER B 312 12.61 7.62 -7.24
N PRO B 313 13.49 8.01 -6.31
CA PRO B 313 13.19 7.87 -4.89
C PRO B 313 11.86 8.55 -4.52
N GLY B 314 11.61 9.71 -5.13
CA GLY B 314 10.38 10.45 -4.87
C GLY B 314 9.17 9.60 -5.14
N THR B 315 9.10 9.07 -6.36
CA THR B 315 7.99 8.22 -6.76
C THR B 315 7.94 6.95 -5.91
N PHE B 316 9.10 6.44 -5.51
CA PHE B 316 9.14 5.21 -4.73
C PHE B 316 8.67 5.33 -3.30
N GLU B 317 8.39 6.56 -2.86
CA GLU B 317 7.87 6.75 -1.52
C GLU B 317 6.52 6.06 -1.48
N LYS B 318 5.93 5.84 -2.67
CA LYS B 318 4.66 5.16 -2.80
C LYS B 318 4.83 3.75 -3.37
N ILE B 319 5.62 3.63 -4.44
CA ILE B 319 5.83 2.32 -5.06
C ILE B 319 6.55 1.35 -4.12
N GLY B 320 7.57 1.84 -3.42
CA GLY B 320 8.32 0.98 -2.50
C GLY B 320 7.47 0.20 -1.53
N PRO B 321 6.64 0.89 -0.72
CA PRO B 321 5.78 0.22 0.25
C PRO B 321 4.78 -0.73 -0.42
N ILE B 322 4.29 -0.36 -1.60
CA ILE B 322 3.36 -1.21 -2.32
C ILE B 322 4.05 -2.53 -2.73
N ILE B 323 5.28 -2.44 -3.20
CA ILE B 323 6.02 -3.65 -3.59
C ILE B 323 6.30 -4.50 -2.35
N ARG B 324 6.70 -3.86 -1.26
CA ARG B 324 6.93 -4.59 -0.02
C ARG B 324 5.67 -5.36 0.37
N ALA B 325 4.52 -4.67 0.32
CA ALA B 325 3.26 -5.30 0.68
C ALA B 325 2.98 -6.50 -0.21
N THR B 326 3.21 -6.35 -1.50
CA THR B 326 2.96 -7.43 -2.45
C THR B 326 3.85 -8.62 -2.19
N LEU B 327 5.08 -8.38 -1.77
CA LEU B 327 6.01 -9.49 -1.51
C LEU B 327 5.87 -10.11 -0.12
N ASN B 328 5.13 -9.45 0.76
CA ASN B 328 4.97 -9.95 2.13
C ASN B 328 3.81 -10.91 2.39
N ARG B 329 3.96 -12.15 1.94
CA ARG B 329 2.92 -13.16 2.16
C ARG B 329 3.25 -14.00 3.39
#